data_3AQQ
#
_entry.id   3AQQ
#
_cell.length_a   79.856
_cell.length_b   79.856
_cell.length_c   181.982
_cell.angle_alpha   90.00
_cell.angle_beta   90.00
_cell.angle_gamma   120.00
#
_symmetry.space_group_name_H-M   'P 61'
#
loop_
_entity.id
_entity.type
_entity.pdbx_description
1 polymer 'Calcium-regulated heat stable protein 1'
2 water water
#
_entity_poly.entity_id   1
_entity_poly.type   'polypeptide(L)'
_entity_poly.pdbx_seq_one_letter_code
;MSSEPPPPPQPPTHQASVGLLDTPRSRERSPSPLRGNVVPSPLPTRRTRTFSATVRASQGPVYKGVCKCFCRSKGHGFIT
PADGGPDIFLHISDVEGEYVPVEGDEVTYKMCSIPPKNEKLQAVEVVITHLAPGTKHETWSGHVISS
;
_entity_poly.pdbx_strand_id   A,C,B,D
#
# COMPACT_ATOMS: atom_id res chain seq x y z
N SER A 41 -4.10 -34.86 4.02
CA SER A 41 -4.07 -34.07 5.24
C SER A 41 -5.43 -33.44 5.54
N PRO A 42 -5.78 -33.31 6.83
CA PRO A 42 -6.96 -32.53 7.22
C PRO A 42 -6.73 -31.08 6.83
N LEU A 43 -7.55 -30.55 5.92
CA LEU A 43 -7.26 -29.29 5.23
C LEU A 43 -7.24 -28.04 6.11
N PRO A 44 -6.04 -27.44 6.30
CA PRO A 44 -5.84 -26.30 7.20
C PRO A 44 -6.31 -24.96 6.63
N THR A 45 -7.62 -24.73 6.64
CA THR A 45 -8.15 -23.51 6.07
C THR A 45 -7.71 -22.28 6.87
N ARG A 46 -8.14 -21.12 6.41
CA ARG A 46 -7.72 -19.85 7.03
C ARG A 46 -8.63 -19.49 8.20
N ARG A 47 -9.86 -19.99 8.15
CA ARG A 47 -10.82 -19.90 9.23
C ARG A 47 -10.62 -21.05 10.22
N THR A 48 -9.41 -21.58 10.26
CA THR A 48 -9.16 -22.84 10.96
C THR A 48 -7.76 -22.79 11.54
N ARG A 49 -6.94 -21.89 11.02
CA ARG A 49 -5.62 -21.70 11.57
C ARG A 49 -5.72 -21.29 13.05
N THR A 50 -5.10 -22.08 13.93
CA THR A 50 -5.12 -21.75 15.35
C THR A 50 -4.54 -20.36 15.57
N PHE A 51 -5.07 -19.69 16.59
CA PHE A 51 -4.66 -18.35 17.03
C PHE A 51 -3.16 -18.11 16.90
N SER A 52 -2.36 -18.98 17.51
CA SER A 52 -0.92 -18.82 17.53
C SER A 52 -0.33 -19.15 16.17
N ALA A 53 -0.80 -20.23 15.55
CA ALA A 53 -0.37 -20.57 14.20
C ALA A 53 -0.44 -19.33 13.33
N THR A 54 -1.57 -18.63 13.41
CA THR A 54 -1.79 -17.48 12.55
C THR A 54 -0.87 -16.31 12.88
N VAL A 55 -0.65 -16.08 14.17
CA VAL A 55 0.17 -14.95 14.58
C VAL A 55 1.64 -15.18 14.23
N ARG A 56 2.12 -16.40 14.43
CA ARG A 56 3.51 -16.75 14.11
C ARG A 56 3.79 -16.58 12.62
N ALA A 57 2.90 -17.16 11.81
CA ALA A 57 2.92 -17.03 10.37
C ALA A 57 3.04 -15.57 9.99
N SER A 58 2.13 -14.73 10.49
CA SER A 58 2.14 -13.31 10.14
C SER A 58 3.44 -12.59 10.56
N GLN A 59 4.19 -13.15 11.48
CA GLN A 59 5.43 -12.50 11.92
C GLN A 59 6.67 -12.98 11.17
N GLY A 60 6.56 -14.11 10.49
CA GLY A 60 7.66 -14.57 9.65
C GLY A 60 7.92 -13.59 8.52
N PRO A 61 8.95 -13.90 7.71
CA PRO A 61 9.38 -13.12 6.53
C PRO A 61 8.43 -13.33 5.36
N VAL A 62 8.53 -12.50 4.33
CA VAL A 62 7.74 -12.70 3.13
C VAL A 62 8.55 -13.41 2.05
N TYR A 63 7.99 -14.48 1.50
CA TYR A 63 8.69 -15.24 0.46
C TYR A 63 8.10 -14.98 -0.92
N LYS A 64 8.97 -15.12 -1.93
CA LYS A 64 8.60 -15.12 -3.33
C LYS A 64 8.45 -16.56 -3.85
N GLY A 65 7.53 -16.77 -4.78
CA GLY A 65 7.33 -18.09 -5.36
C GLY A 65 6.47 -18.10 -6.61
N VAL A 66 6.24 -19.29 -7.16
CA VAL A 66 5.39 -19.41 -8.32
C VAL A 66 4.32 -20.46 -8.09
N CYS A 67 3.13 -20.18 -8.60
CA CYS A 67 2.07 -21.15 -8.54
C CYS A 67 2.34 -22.31 -9.51
N LYS A 68 2.58 -23.49 -8.94
CA LYS A 68 2.74 -24.71 -9.72
C LYS A 68 1.39 -25.28 -10.16
N CYS A 69 0.48 -25.45 -9.20
CA CYS A 69 -0.80 -26.10 -9.42
C CYS A 69 -1.92 -25.31 -8.74
N PHE A 70 -3.14 -25.42 -9.26
CA PHE A 70 -4.33 -24.94 -8.56
C PHE A 70 -5.63 -25.42 -9.20
N CYS A 71 -6.42 -26.19 -8.45
CA CYS A 71 -7.75 -26.58 -8.92
C CYS A 71 -8.82 -25.87 -8.09
N ARG A 72 -9.49 -24.91 -8.71
CA ARG A 72 -10.57 -24.18 -8.09
C ARG A 72 -11.60 -25.13 -7.49
N SER A 73 -11.98 -26.17 -8.22
CA SER A 73 -13.00 -27.11 -7.72
C SER A 73 -12.53 -28.00 -6.56
N LYS A 74 -11.22 -28.05 -6.32
CA LYS A 74 -10.68 -28.85 -5.22
C LYS A 74 -10.42 -27.94 -4.02
N GLY A 75 -10.04 -26.70 -4.30
CA GLY A 75 -9.79 -25.73 -3.27
C GLY A 75 -8.32 -25.60 -2.89
N HIS A 76 -7.46 -26.32 -3.59
CA HIS A 76 -6.04 -26.21 -3.29
C HIS A 76 -5.07 -26.30 -4.47
N GLY A 77 -3.78 -26.20 -4.15
CA GLY A 77 -2.72 -26.24 -5.13
C GLY A 77 -1.38 -26.30 -4.44
N PHE A 78 -0.33 -25.98 -5.18
CA PHE A 78 1.00 -25.88 -4.61
C PHE A 78 1.69 -24.63 -5.11
N ILE A 79 2.78 -24.28 -4.45
CA ILE A 79 3.58 -23.14 -4.87
C ILE A 79 5.05 -23.55 -4.83
N THR A 80 5.72 -23.36 -5.96
CA THR A 80 7.15 -23.61 -6.06
C THR A 80 7.86 -22.40 -5.50
N PRO A 81 8.55 -22.57 -4.37
CA PRO A 81 9.36 -21.47 -3.86
C PRO A 81 10.30 -20.95 -4.95
N ALA A 82 10.53 -19.64 -4.95
CA ALA A 82 11.76 -19.12 -5.51
C ALA A 82 12.80 -19.54 -4.49
N ASP A 83 14.08 -19.32 -4.77
CA ASP A 83 15.12 -19.83 -3.88
C ASP A 83 14.93 -21.33 -3.63
N GLY A 84 14.44 -22.03 -4.66
CA GLY A 84 14.30 -23.49 -4.66
C GLY A 84 13.78 -24.17 -3.40
N GLY A 85 13.03 -25.25 -3.58
CA GLY A 85 12.54 -26.00 -2.44
C GLY A 85 11.39 -26.93 -2.73
N PRO A 86 10.96 -27.67 -1.70
CA PRO A 86 9.74 -28.48 -1.75
C PRO A 86 8.56 -27.56 -1.91
N ASP A 87 7.58 -27.99 -2.68
CA ASP A 87 6.43 -27.15 -2.97
C ASP A 87 5.61 -26.94 -1.71
N ILE A 88 5.09 -25.72 -1.56
CA ILE A 88 4.31 -25.37 -0.39
C ILE A 88 2.85 -25.57 -0.71
N PHE A 89 2.13 -26.25 0.17
CA PHE A 89 0.71 -26.48 -0.05
C PHE A 89 -0.07 -25.17 0.00
N LEU A 90 -1.11 -25.06 -0.81
CA LEU A 90 -1.86 -23.81 -0.92
C LEU A 90 -3.37 -24.04 -0.92
N HIS A 91 -4.06 -23.40 0.03
CA HIS A 91 -5.49 -23.61 0.18
C HIS A 91 -6.21 -22.39 -0.35
N ILE A 92 -7.32 -22.62 -1.04
CA ILE A 92 -8.03 -21.52 -1.68
C ILE A 92 -8.36 -20.35 -0.74
N SER A 93 -8.54 -20.64 0.54
CA SER A 93 -8.94 -19.62 1.52
C SER A 93 -7.85 -18.61 1.83
N ASP A 94 -6.60 -18.98 1.55
CA ASP A 94 -5.48 -18.14 1.92
C ASP A 94 -5.09 -17.21 0.81
N VAL A 95 -5.87 -17.26 -0.27
CA VAL A 95 -5.56 -16.51 -1.47
C VAL A 95 -6.19 -15.13 -1.41
N GLU A 96 -5.48 -14.15 -1.94
CA GLU A 96 -5.95 -12.78 -1.89
C GLU A 96 -6.05 -12.15 -3.27
N GLY A 97 -7.14 -11.44 -3.49
CA GLY A 97 -7.36 -10.74 -4.74
C GLY A 97 -8.49 -11.33 -5.55
N GLU A 98 -9.00 -10.54 -6.49
CA GLU A 98 -10.08 -10.95 -7.37
C GLU A 98 -9.80 -12.16 -8.27
N TYR A 99 -8.53 -12.50 -8.47
CA TYR A 99 -8.16 -13.51 -9.49
C TYR A 99 -7.97 -14.94 -9.00
N VAL A 100 -8.38 -15.90 -9.83
CA VAL A 100 -8.08 -17.30 -9.54
C VAL A 100 -6.67 -17.58 -10.00
N PRO A 101 -5.88 -18.20 -9.13
CA PRO A 101 -4.48 -18.47 -9.47
C PRO A 101 -4.37 -19.50 -10.58
N VAL A 102 -3.27 -19.40 -11.30
CA VAL A 102 -3.04 -20.20 -12.49
C VAL A 102 -1.58 -20.57 -12.52
N GLU A 103 -1.26 -21.73 -13.08
CA GLU A 103 0.13 -22.16 -13.18
C GLU A 103 0.97 -21.08 -13.86
N GLY A 104 2.11 -20.77 -13.24
CA GLY A 104 3.00 -19.76 -13.76
C GLY A 104 2.78 -18.41 -13.14
N ASP A 105 1.74 -18.27 -12.31
CA ASP A 105 1.48 -17.00 -11.61
C ASP A 105 2.53 -16.76 -10.54
N GLU A 106 3.02 -15.53 -10.46
CA GLU A 106 4.04 -15.20 -9.47
C GLU A 106 3.34 -14.79 -8.17
N VAL A 107 3.89 -15.21 -7.03
CA VAL A 107 3.23 -14.97 -5.75
C VAL A 107 4.19 -14.64 -4.62
N THR A 108 3.67 -13.91 -3.63
CA THR A 108 4.40 -13.65 -2.40
C THR A 108 3.52 -14.19 -1.31
N TYR A 109 4.14 -14.78 -0.29
CA TYR A 109 3.38 -15.55 0.67
C TYR A 109 4.19 -15.62 1.93
N LYS A 110 3.49 -15.89 3.03
CA LYS A 110 4.14 -16.23 4.30
C LYS A 110 3.88 -17.72 4.55
N MET A 111 4.84 -18.39 5.21
CA MET A 111 4.71 -19.82 5.54
C MET A 111 4.11 -20.11 6.94
N CYS A 112 3.39 -21.22 7.05
CA CYS A 112 2.76 -21.60 8.31
C CYS A 112 2.71 -23.11 8.47
N SER A 113 3.56 -23.65 9.34
CA SER A 113 3.63 -25.09 9.57
C SER A 113 2.26 -25.67 9.94
N ILE A 114 2.06 -26.94 9.61
CA ILE A 114 0.75 -27.56 9.74
C ILE A 114 0.62 -28.54 10.93
N LYS A 117 -0.60 -31.65 12.54
CA LYS A 117 0.48 -31.03 13.30
C LYS A 117 1.79 -31.79 13.12
N ASN A 118 2.48 -31.51 12.01
CA ASN A 118 3.75 -32.17 11.71
C ASN A 118 4.78 -31.18 11.19
N GLU A 119 5.32 -31.47 10.01
CA GLU A 119 6.34 -30.61 9.40
C GLU A 119 5.79 -29.92 8.15
N LYS A 120 4.89 -30.59 7.45
CA LYS A 120 4.29 -30.05 6.24
C LYS A 120 4.21 -28.53 6.30
N LEU A 121 4.29 -27.89 5.14
CA LEU A 121 4.23 -26.43 5.06
C LEU A 121 3.10 -25.89 4.20
N GLN A 122 2.50 -24.82 4.68
CA GLN A 122 1.38 -24.20 4.02
C GLN A 122 1.73 -22.74 3.73
N ALA A 123 1.10 -22.16 2.71
CA ALA A 123 1.28 -20.72 2.47
C ALA A 123 0.04 -19.94 2.88
N VAL A 124 0.27 -18.80 3.51
CA VAL A 124 -0.81 -17.98 4.03
C VAL A 124 -0.56 -16.55 3.61
N GLU A 125 -1.59 -15.71 3.62
CA GLU A 125 -1.44 -14.31 3.22
C GLU A 125 -0.81 -14.27 1.83
N VAL A 126 -1.48 -14.92 0.89
CA VAL A 126 -0.95 -15.18 -0.44
C VAL A 126 -1.41 -14.17 -1.49
N VAL A 127 -0.47 -13.50 -2.12
CA VAL A 127 -0.79 -12.45 -3.09
C VAL A 127 -0.19 -12.72 -4.48
N ILE A 128 -1.01 -12.63 -5.52
CA ILE A 128 -0.47 -12.73 -6.87
C ILE A 128 0.24 -11.43 -7.23
N THR A 129 1.51 -11.55 -7.59
CA THR A 129 2.30 -10.40 -7.99
C THR A 129 2.32 -10.23 -9.51
N HIS A 130 2.57 -11.31 -10.25
CA HIS A 130 2.57 -11.22 -11.72
C HIS A 130 1.70 -12.28 -12.35
N LEU A 131 0.88 -11.85 -13.30
CA LEU A 131 0.04 -12.76 -14.05
C LEU A 131 0.80 -13.39 -15.21
N ALA A 132 0.68 -14.70 -15.32
CA ALA A 132 1.34 -15.45 -16.39
C ALA A 132 0.71 -15.15 -17.74
N PRO A 133 1.52 -14.63 -18.68
CA PRO A 133 1.08 -14.27 -20.04
C PRO A 133 0.77 -15.50 -20.88
N GLY A 134 -0.31 -15.43 -21.67
CA GLY A 134 -0.68 -16.54 -22.54
C GLY A 134 -1.96 -17.21 -22.07
N THR A 135 -2.00 -17.58 -20.81
CA THR A 135 -3.18 -18.22 -20.26
C THR A 135 -4.29 -17.20 -20.12
N LYS A 136 -5.52 -17.68 -20.10
CA LYS A 136 -6.63 -16.88 -19.63
C LYS A 136 -6.60 -16.81 -18.11
N HIS A 137 -6.75 -15.61 -17.58
CA HIS A 137 -6.85 -15.40 -16.16
C HIS A 137 -8.29 -15.07 -15.85
N GLU A 138 -8.79 -15.64 -14.78
CA GLU A 138 -10.20 -15.55 -14.46
C GLU A 138 -10.33 -15.01 -13.04
N THR A 139 -11.39 -14.26 -12.77
CA THR A 139 -11.74 -13.89 -11.39
C THR A 139 -12.74 -14.86 -10.81
N TRP A 140 -12.82 -14.92 -9.49
CA TRP A 140 -13.91 -15.64 -8.84
C TRP A 140 -15.16 -14.96 -9.35
N SER A 141 -16.26 -15.70 -9.45
CA SER A 141 -17.53 -15.14 -9.94
C SER A 141 -17.60 -15.05 -11.48
N LEU B 43 -8.89 24.03 -6.95
CA LEU B 43 -7.67 23.66 -7.68
C LEU B 43 -6.59 23.09 -6.74
N PRO B 44 -6.73 21.79 -6.40
CA PRO B 44 -5.95 21.21 -5.30
C PRO B 44 -4.52 20.96 -5.71
N THR B 45 -3.61 21.21 -4.79
CA THR B 45 -2.21 21.00 -5.06
C THR B 45 -1.67 20.22 -3.88
N ARG B 46 -0.38 19.99 -3.85
CA ARG B 46 0.18 19.12 -2.84
C ARG B 46 0.20 19.70 -1.42
N ARG B 47 0.47 20.98 -1.27
CA ARG B 47 0.46 21.57 0.03
C ARG B 47 -0.86 22.18 0.24
N THR B 48 -1.89 21.51 -0.19
CA THR B 48 -3.22 22.05 -0.11
C THR B 48 -4.12 20.88 -0.02
N ARG B 49 -3.67 19.75 -0.51
CA ARG B 49 -4.44 18.57 -0.36
C ARG B 49 -4.67 18.34 1.10
N THR B 50 -5.92 18.10 1.46
CA THR B 50 -6.24 17.84 2.85
C THR B 50 -5.56 16.58 3.34
N PHE B 51 -5.43 16.50 4.65
CA PHE B 51 -4.81 15.36 5.30
C PHE B 51 -5.35 14.00 4.82
N SER B 52 -6.67 13.81 4.84
CA SER B 52 -7.26 12.51 4.53
C SER B 52 -7.07 12.10 3.07
N ALA B 53 -7.28 13.06 2.17
CA ALA B 53 -7.06 12.81 0.75
C ALA B 53 -5.64 12.28 0.50
N THR B 54 -4.64 12.94 1.05
CA THR B 54 -3.27 12.51 0.88
C THR B 54 -3.12 11.05 1.32
N VAL B 55 -3.53 10.75 2.54
CA VAL B 55 -3.41 9.38 3.03
C VAL B 55 -4.13 8.41 2.11
N ARG B 56 -5.36 8.76 1.76
CA ARG B 56 -6.20 7.90 0.95
C ARG B 56 -5.66 7.65 -0.48
N ALA B 57 -5.08 8.67 -1.09
CA ALA B 57 -4.45 8.49 -2.39
C ALA B 57 -3.21 7.62 -2.23
N SER B 58 -2.33 8.02 -1.33
CA SER B 58 -1.08 7.30 -1.05
C SER B 58 -1.31 5.81 -0.79
N GLN B 59 -2.56 5.44 -0.59
CA GLN B 59 -2.90 4.12 -0.09
C GLN B 59 -3.69 3.29 -1.11
N GLY B 60 -3.91 3.88 -2.28
CA GLY B 60 -4.64 3.23 -3.36
C GLY B 60 -3.68 2.63 -4.36
N PRO B 61 -4.21 2.06 -5.47
CA PRO B 61 -3.45 1.34 -6.48
C PRO B 61 -2.53 2.27 -7.26
N VAL B 62 -1.59 1.70 -7.97
CA VAL B 62 -0.71 2.48 -8.81
C VAL B 62 -1.07 2.29 -10.28
N TYR B 63 -1.51 3.38 -10.89
CA TYR B 63 -2.00 3.31 -12.26
C TYR B 63 -0.94 3.76 -13.26
N LYS B 64 -1.01 3.21 -14.47
CA LYS B 64 -0.20 3.70 -15.58
C LYS B 64 -1.05 4.66 -16.43
N GLY B 65 -0.39 5.57 -17.13
CA GLY B 65 -1.08 6.50 -18.00
C GLY B 65 -0.10 7.20 -18.91
N VAL B 66 -0.55 8.24 -19.59
CA VAL B 66 0.30 8.94 -20.54
C VAL B 66 0.05 10.44 -20.46
N CYS B 67 1.10 11.24 -20.37
CA CYS B 67 0.85 12.68 -20.30
C CYS B 67 0.17 13.20 -21.56
N LYS B 68 -1.11 13.55 -21.43
CA LYS B 68 -1.86 14.06 -22.58
C LYS B 68 -1.48 15.50 -22.93
N CYS B 69 -1.15 16.29 -21.91
CA CYS B 69 -0.60 17.62 -22.09
C CYS B 69 -0.10 18.22 -20.79
N PHE B 70 0.65 19.31 -20.89
CA PHE B 70 1.17 19.98 -19.72
C PHE B 70 1.72 21.34 -20.08
N CYS B 71 0.99 22.39 -19.74
CA CYS B 71 1.55 23.73 -19.88
C CYS B 71 2.17 24.14 -18.55
N ARG B 72 3.49 24.23 -18.52
CA ARG B 72 4.19 24.62 -17.30
C ARG B 72 3.79 26.00 -16.76
N SER B 73 3.76 27.02 -17.60
CA SER B 73 3.38 28.36 -17.12
C SER B 73 2.03 28.37 -16.41
N LYS B 74 1.11 27.52 -16.86
CA LYS B 74 -0.19 27.41 -16.22
C LYS B 74 -0.08 26.52 -14.98
N GLY B 75 0.85 25.56 -15.04
CA GLY B 75 1.13 24.69 -13.91
C GLY B 75 0.26 23.45 -13.79
N HIS B 76 -0.19 22.93 -14.94
CA HIS B 76 -0.99 21.72 -14.96
C HIS B 76 -1.21 21.20 -16.36
N GLY B 77 -1.90 20.06 -16.43
CA GLY B 77 -2.15 19.36 -17.67
C GLY B 77 -3.09 18.21 -17.40
N PHE B 78 -3.00 17.18 -18.24
CA PHE B 78 -3.81 15.99 -18.06
C PHE B 78 -3.01 14.74 -18.28
N ILE B 79 -3.46 13.65 -17.67
CA ILE B 79 -2.94 12.33 -17.98
C ILE B 79 -4.08 11.50 -18.52
N THR B 80 -3.78 10.68 -19.52
CA THR B 80 -4.73 9.71 -20.02
C THR B 80 -4.42 8.38 -19.38
N PRO B 81 -5.42 7.77 -18.72
CA PRO B 81 -5.27 6.42 -18.16
C PRO B 81 -4.84 5.42 -19.23
N ALA B 82 -3.87 4.58 -18.90
CA ALA B 82 -3.72 3.32 -19.60
C ALA B 82 -4.98 2.56 -19.23
N ASP B 83 -5.48 1.70 -20.11
CA ASP B 83 -6.72 0.96 -19.83
C ASP B 83 -7.97 1.81 -20.13
N GLY B 84 -7.77 2.91 -20.85
CA GLY B 84 -8.87 3.82 -21.17
C GLY B 84 -9.65 4.33 -19.96
N GLY B 85 -10.32 5.45 -20.13
CA GLY B 85 -11.07 6.09 -19.06
C GLY B 85 -11.03 7.60 -19.18
N PRO B 86 -11.70 8.29 -18.25
CA PRO B 86 -11.70 9.77 -18.19
C PRO B 86 -10.29 10.31 -17.93
N ASP B 87 -9.94 11.45 -18.52
CA ASP B 87 -8.62 12.04 -18.28
C ASP B 87 -8.45 12.51 -16.83
N ILE B 88 -7.21 12.57 -16.36
CA ILE B 88 -6.98 12.91 -14.96
C ILE B 88 -6.28 14.25 -14.78
N PHE B 89 -6.85 15.13 -13.97
CA PHE B 89 -6.25 16.42 -13.73
C PHE B 89 -4.88 16.19 -13.14
N LEU B 90 -3.93 17.01 -13.57
CA LEU B 90 -2.56 16.86 -13.16
C LEU B 90 -2.01 18.24 -12.86
N HIS B 91 -1.73 18.49 -11.57
CA HIS B 91 -1.19 19.78 -11.15
C HIS B 91 0.31 19.67 -11.01
N ILE B 92 1.03 20.77 -11.26
CA ILE B 92 2.49 20.71 -11.31
C ILE B 92 3.17 20.27 -10.02
N SER B 93 2.58 20.62 -8.88
CA SER B 93 3.19 20.32 -7.58
C SER B 93 3.25 18.81 -7.27
N ASP B 94 2.56 18.02 -8.08
CA ASP B 94 2.44 16.60 -7.78
C ASP B 94 3.43 15.75 -8.56
N VAL B 95 4.17 16.42 -9.44
CA VAL B 95 5.15 15.77 -10.30
C VAL B 95 6.48 15.59 -9.56
N GLU B 96 6.97 14.36 -9.55
CA GLU B 96 8.24 14.04 -8.90
C GLU B 96 9.35 13.82 -9.93
N GLY B 97 10.41 14.64 -9.88
CA GLY B 97 11.59 14.39 -10.70
C GLY B 97 12.21 15.64 -11.33
N GLU B 98 13.38 15.50 -11.94
CA GLU B 98 14.04 16.65 -12.57
C GLU B 98 13.44 17.12 -13.90
N TYR B 99 12.61 16.28 -14.54
CA TYR B 99 12.08 16.58 -15.87
C TYR B 99 10.69 17.23 -15.89
N VAL B 100 10.53 18.28 -16.69
CA VAL B 100 9.21 18.78 -17.01
C VAL B 100 8.52 17.74 -17.91
N PRO B 101 7.22 17.54 -17.70
CA PRO B 101 6.46 16.53 -18.44
C PRO B 101 6.03 17.02 -19.79
N VAL B 102 5.87 16.07 -20.68
CA VAL B 102 5.66 16.35 -22.08
C VAL B 102 4.59 15.42 -22.60
N GLU B 103 3.77 15.90 -23.52
CA GLU B 103 2.85 15.03 -24.28
C GLU B 103 3.55 13.73 -24.70
N GLY B 104 3.02 12.60 -24.24
CA GLY B 104 3.59 11.32 -24.58
C GLY B 104 4.39 10.62 -23.50
N ASP B 105 4.79 11.35 -22.46
CA ASP B 105 5.50 10.72 -21.34
C ASP B 105 4.68 9.63 -20.67
N GLU B 106 5.26 8.44 -20.57
CA GLU B 106 4.66 7.36 -19.81
C GLU B 106 4.79 7.65 -18.32
N VAL B 107 3.73 7.34 -17.57
CA VAL B 107 3.68 7.73 -16.18
C VAL B 107 2.97 6.73 -15.28
N THR B 108 3.38 6.71 -14.03
CA THR B 108 2.62 6.06 -12.98
C THR B 108 2.14 7.11 -12.00
N TYR B 109 1.02 6.82 -11.36
CA TYR B 109 0.40 7.77 -10.45
C TYR B 109 -0.58 7.09 -9.50
N LYS B 110 -0.93 7.81 -8.45
CA LYS B 110 -2.02 7.44 -7.57
C LYS B 110 -3.16 8.43 -7.81
N MET B 111 -4.40 8.02 -7.56
CA MET B 111 -5.56 8.87 -7.81
C MET B 111 -6.24 9.40 -6.55
N CYS B 112 -7.01 10.46 -6.71
CA CYS B 112 -7.55 11.21 -5.59
C CYS B 112 -8.72 12.06 -6.08
N SER B 113 -9.95 11.66 -5.75
CA SER B 113 -11.14 12.44 -6.09
C SER B 113 -11.11 13.78 -5.39
N ILE B 114 -11.64 14.78 -6.07
CA ILE B 114 -11.50 16.16 -5.63
C ILE B 114 -12.66 16.66 -4.77
N LYS B 117 -16.95 19.99 -3.97
CA LYS B 117 -16.19 18.98 -3.27
C LYS B 117 -16.81 17.64 -3.46
N ASN B 118 -17.21 17.35 -4.68
CA ASN B 118 -17.81 16.08 -4.94
C ASN B 118 -16.75 15.17 -5.47
N GLU B 119 -16.52 15.27 -6.76
CA GLU B 119 -15.51 14.43 -7.34
C GLU B 119 -15.16 14.70 -8.79
N LYS B 120 -14.00 15.30 -8.97
CA LYS B 120 -13.20 15.12 -10.15
C LYS B 120 -11.99 14.34 -9.66
N LEU B 121 -11.17 13.85 -10.57
CA LEU B 121 -10.04 13.03 -10.20
C LEU B 121 -8.77 13.75 -10.36
N GLN B 122 -7.88 13.61 -9.40
CA GLN B 122 -6.57 14.18 -9.59
C GLN B 122 -5.52 13.11 -9.50
N ALA B 123 -4.45 13.28 -10.26
CA ALA B 123 -3.31 12.38 -10.22
C ALA B 123 -2.28 12.93 -9.22
N VAL B 124 -1.72 12.02 -8.39
CA VAL B 124 -0.75 12.40 -7.36
C VAL B 124 0.45 11.44 -7.34
N GLU B 125 1.56 11.88 -6.74
CA GLU B 125 2.75 11.04 -6.62
C GLU B 125 3.09 10.53 -8.03
N VAL B 126 3.35 11.45 -8.93
CA VAL B 126 3.37 11.12 -10.35
C VAL B 126 4.76 10.96 -10.96
N VAL B 127 5.04 9.75 -11.44
CA VAL B 127 6.37 9.42 -11.93
C VAL B 127 6.44 9.20 -13.46
N ILE B 128 7.36 9.92 -14.10
CA ILE B 128 7.70 9.68 -15.49
C ILE B 128 8.56 8.44 -15.57
N THR B 129 8.05 7.45 -16.31
CA THR B 129 8.71 6.15 -16.45
C THR B 129 9.44 6.03 -17.78
N HIS B 130 8.81 6.45 -18.87
CA HIS B 130 9.54 6.61 -20.13
C HIS B 130 9.31 7.96 -20.77
N LEU B 131 10.38 8.57 -21.25
CA LEU B 131 10.29 9.89 -21.87
C LEU B 131 9.74 9.80 -23.29
N ALA B 132 9.05 10.85 -23.70
CA ALA B 132 8.45 10.93 -25.05
C ALA B 132 9.51 11.02 -26.16
N PRO B 133 9.56 10.00 -27.04
CA PRO B 133 10.59 9.87 -28.07
C PRO B 133 10.72 11.06 -29.03
N GLY B 134 9.59 11.55 -29.54
CA GLY B 134 9.67 12.68 -30.46
C GLY B 134 10.33 13.90 -29.83
N THR B 135 9.74 14.34 -28.74
CA THR B 135 9.99 15.65 -28.17
C THR B 135 11.37 15.83 -27.54
N LYS B 136 11.67 17.08 -27.19
CA LYS B 136 12.87 17.40 -26.44
C LYS B 136 12.45 17.62 -24.99
N HIS B 137 13.20 17.05 -24.05
CA HIS B 137 12.86 17.15 -22.64
C HIS B 137 13.71 18.14 -21.85
N GLU B 138 13.04 19.00 -21.10
CA GLU B 138 13.71 19.99 -20.26
C GLU B 138 13.84 19.51 -18.81
N THR B 139 14.66 20.21 -18.03
CA THR B 139 14.68 20.01 -16.59
C THR B 139 13.94 21.18 -15.96
N TRP B 140 13.72 21.13 -14.66
CA TRP B 140 12.99 22.22 -14.01
C TRP B 140 13.74 23.57 -13.98
N SER B 141 15.07 23.52 -13.94
CA SER B 141 15.86 24.74 -13.89
C SER B 141 15.71 25.57 -15.19
N LEU C 43 -19.01 -1.72 -2.12
CA LEU C 43 -18.12 -1.85 -0.96
C LEU C 43 -17.51 -3.28 -0.84
N PRO C 44 -16.17 -3.40 -1.01
CA PRO C 44 -15.36 -4.56 -1.43
C PRO C 44 -14.93 -5.62 -0.40
N THR C 45 -14.63 -6.82 -0.92
CA THR C 45 -14.22 -7.96 -0.12
C THR C 45 -12.96 -8.57 -0.76
N ARG C 46 -12.38 -9.55 -0.08
CA ARG C 46 -11.18 -10.23 -0.53
C ARG C 46 -11.16 -10.72 -1.98
N ARG C 47 -12.16 -11.50 -2.38
CA ARG C 47 -12.22 -12.01 -3.73
C ARG C 47 -12.91 -11.01 -4.63
N THR C 48 -12.65 -9.72 -4.40
CA THR C 48 -13.39 -8.66 -5.05
C THR C 48 -12.38 -7.56 -5.26
N ARG C 49 -11.35 -7.58 -4.45
CA ARG C 49 -10.35 -6.51 -4.36
C ARG C 49 -9.51 -6.58 -5.65
N THR C 50 -9.47 -5.48 -6.38
CA THR C 50 -8.79 -5.46 -7.67
C THR C 50 -7.36 -5.95 -7.54
N PHE C 51 -6.84 -6.49 -8.62
CA PHE C 51 -5.51 -7.07 -8.68
C PHE C 51 -4.49 -6.20 -7.95
N SER C 52 -4.41 -4.92 -8.31
CA SER C 52 -3.33 -4.06 -7.81
C SER C 52 -3.56 -3.46 -6.41
N ALA C 53 -4.82 -3.23 -6.05
CA ALA C 53 -5.10 -2.77 -4.71
C ALA C 53 -4.52 -3.83 -3.80
N THR C 54 -4.82 -5.08 -4.10
CA THR C 54 -4.29 -6.22 -3.36
C THR C 54 -2.79 -6.17 -3.35
N VAL C 55 -2.21 -5.85 -4.49
CA VAL C 55 -0.77 -5.86 -4.56
C VAL C 55 -0.20 -4.78 -3.66
N ARG C 56 -0.64 -3.55 -3.82
CA ARG C 56 0.04 -2.46 -3.12
C ARG C 56 -0.22 -2.51 -1.61
N ALA C 57 -1.36 -3.06 -1.23
CA ALA C 57 -1.71 -3.24 0.17
C ALA C 57 -0.70 -4.17 0.82
N SER C 58 -0.62 -5.39 0.30
CA SER C 58 0.32 -6.39 0.76
C SER C 58 1.74 -5.87 0.87
N GLN C 59 2.11 -4.91 0.04
CA GLN C 59 3.49 -4.44 0.05
C GLN C 59 3.74 -3.31 1.07
N GLY C 60 2.67 -2.83 1.70
CA GLY C 60 2.77 -1.71 2.63
C GLY C 60 3.18 -2.05 4.06
N PRO C 61 3.27 -1.02 4.94
CA PRO C 61 3.71 -1.27 6.31
C PRO C 61 2.61 -1.94 7.11
N VAL C 62 2.94 -2.52 8.25
CA VAL C 62 1.92 -3.13 9.10
C VAL C 62 1.58 -2.24 10.28
N TYR C 63 0.30 -2.11 10.55
CA TYR C 63 -0.14 -1.27 11.65
C TYR C 63 -0.76 -2.06 12.79
N LYS C 64 -0.77 -1.46 13.96
CA LYS C 64 -1.51 -2.02 15.07
C LYS C 64 -2.75 -1.18 15.35
N GLY C 65 -3.85 -1.87 15.61
CA GLY C 65 -5.11 -1.23 15.95
C GLY C 65 -5.90 -2.04 16.96
N VAL C 66 -7.12 -1.59 17.22
CA VAL C 66 -8.01 -2.31 18.10
C VAL C 66 -9.35 -2.41 17.40
N CYS C 67 -9.93 -3.60 17.40
CA CYS C 67 -11.27 -3.73 16.87
C CYS C 67 -12.25 -2.87 17.71
N LYS C 68 -13.06 -2.05 17.04
CA LYS C 68 -14.05 -1.23 17.72
C LYS C 68 -15.47 -1.77 17.48
N CYS C 69 -15.72 -2.37 16.35
CA CYS C 69 -17.05 -2.78 15.98
C CYS C 69 -16.90 -4.15 15.42
N PHE C 70 -18.00 -4.79 15.12
CA PHE C 70 -18.01 -5.99 14.34
C PHE C 70 -19.28 -6.73 14.55
N CYS C 71 -20.04 -6.91 13.51
CA CYS C 71 -21.28 -7.64 13.59
C CYS C 71 -21.20 -8.76 12.63
N ARG C 72 -21.20 -9.98 13.10
CA ARG C 72 -21.05 -11.11 12.18
C ARG C 72 -22.25 -11.28 11.26
N SER C 73 -23.43 -11.06 11.80
CA SER C 73 -24.66 -11.09 11.03
C SER C 73 -24.48 -10.26 9.76
N LYS C 74 -23.80 -9.12 9.90
CA LYS C 74 -23.66 -8.14 8.83
C LYS C 74 -22.37 -8.29 8.02
N GLY C 75 -21.31 -8.75 8.69
CA GLY C 75 -20.06 -9.05 8.02
C GLY C 75 -19.01 -7.94 8.03
N HIS C 76 -19.25 -6.89 8.80
CA HIS C 76 -18.23 -5.87 8.94
C HIS C 76 -18.15 -5.24 10.32
N GLY C 77 -17.05 -4.52 10.53
CA GLY C 77 -16.81 -3.85 11.77
C GLY C 77 -15.92 -2.67 11.46
N PHE C 78 -15.22 -2.19 12.48
CA PHE C 78 -14.31 -1.08 12.35
C PHE C 78 -13.15 -1.32 13.27
N ILE C 79 -11.99 -0.79 12.91
CA ILE C 79 -10.81 -0.85 13.75
C ILE C 79 -10.44 0.57 14.04
N THR C 80 -10.34 0.94 15.31
CA THR C 80 -9.73 2.23 15.59
C THR C 80 -8.24 1.99 15.57
N PRO C 81 -7.52 2.78 14.77
CA PRO C 81 -6.07 2.64 14.77
C PRO C 81 -5.54 2.95 16.15
N ALA C 82 -4.52 2.22 16.58
CA ALA C 82 -3.68 2.73 17.64
C ALA C 82 -3.07 3.98 17.03
N ASP C 83 -2.63 4.92 17.87
CA ASP C 83 -2.25 6.26 17.38
C ASP C 83 -3.51 7.02 16.95
N GLY C 84 -4.63 6.68 17.61
CA GLY C 84 -5.92 7.27 17.33
C GLY C 84 -6.15 7.61 15.87
N GLY C 85 -7.11 8.48 15.64
CA GLY C 85 -7.43 8.89 14.29
C GLY C 85 -8.70 8.23 13.82
N PRO C 86 -8.99 8.36 12.52
CA PRO C 86 -10.18 7.74 11.94
C PRO C 86 -10.14 6.22 12.06
N ASP C 87 -11.31 5.64 12.24
CA ASP C 87 -11.43 4.19 12.31
C ASP C 87 -11.38 3.69 10.87
N ILE C 88 -10.90 2.47 10.68
CA ILE C 88 -10.84 1.89 9.35
C ILE C 88 -11.91 0.82 9.16
N PHE C 89 -12.65 0.91 8.06
CA PHE C 89 -13.58 -0.14 7.69
C PHE C 89 -12.90 -1.50 7.65
N LEU C 90 -13.67 -2.52 8.01
CA LEU C 90 -13.17 -3.88 8.16
C LEU C 90 -14.23 -4.87 7.70
N HIS C 91 -13.87 -5.72 6.74
CA HIS C 91 -14.79 -6.72 6.20
C HIS C 91 -14.41 -8.14 6.64
N ILE C 92 -15.41 -8.97 6.91
CA ILE C 92 -15.17 -10.29 7.49
C ILE C 92 -14.20 -11.20 6.71
N SER C 93 -14.17 -11.07 5.39
CA SER C 93 -13.36 -11.94 4.53
C SER C 93 -11.89 -11.59 4.65
N ASP C 94 -11.59 -10.40 5.16
CA ASP C 94 -10.21 -9.97 5.27
C ASP C 94 -9.56 -10.40 6.58
N VAL C 95 -10.35 -11.09 7.41
CA VAL C 95 -9.92 -11.52 8.75
C VAL C 95 -9.43 -12.94 8.74
N GLU C 96 -8.21 -13.15 9.24
CA GLU C 96 -7.68 -14.50 9.31
C GLU C 96 -7.73 -15.13 10.68
N GLY C 97 -7.48 -16.43 10.71
CA GLY C 97 -7.58 -17.20 11.93
C GLY C 97 -9.00 -17.63 12.26
N GLU C 98 -9.07 -18.45 13.31
CA GLU C 98 -10.29 -19.12 13.75
C GLU C 98 -11.26 -18.25 14.58
N TYR C 99 -10.74 -17.21 15.23
CA TYR C 99 -11.63 -16.39 16.06
C TYR C 99 -12.31 -15.29 15.27
N VAL C 100 -13.56 -15.05 15.65
CA VAL C 100 -14.34 -13.91 15.19
C VAL C 100 -13.91 -12.67 15.95
N PRO C 101 -13.60 -11.58 15.23
CA PRO C 101 -13.16 -10.38 15.95
C PRO C 101 -14.24 -9.91 16.92
N VAL C 102 -13.82 -9.34 18.04
CA VAL C 102 -14.73 -8.72 18.99
C VAL C 102 -14.16 -7.40 19.51
N GLU C 103 -15.06 -6.51 19.91
CA GLU C 103 -14.71 -5.22 20.47
C GLU C 103 -13.64 -5.42 21.53
N GLY C 104 -12.50 -4.76 21.34
CA GLY C 104 -11.39 -4.87 22.28
C GLY C 104 -10.22 -5.73 21.84
N ASP C 105 -10.41 -6.51 20.77
CA ASP C 105 -9.33 -7.33 20.25
C ASP C 105 -8.20 -6.47 19.66
N GLU C 106 -6.97 -6.77 20.06
CA GLU C 106 -5.81 -6.14 19.43
C GLU C 106 -5.55 -6.79 18.08
N VAL C 107 -5.20 -5.98 17.10
CA VAL C 107 -4.94 -6.46 15.75
C VAL C 107 -3.78 -5.75 15.08
N THR C 108 -3.01 -6.51 14.30
CA THR C 108 -2.21 -5.90 13.24
C THR C 108 -2.99 -6.00 11.93
N TYR C 109 -2.84 -5.01 11.07
CA TYR C 109 -3.48 -5.01 9.76
C TYR C 109 -2.67 -4.17 8.80
N LYS C 110 -2.99 -4.31 7.53
CA LYS C 110 -2.47 -3.43 6.50
C LYS C 110 -3.61 -2.57 6.03
N MET C 111 -3.28 -1.39 5.52
CA MET C 111 -4.27 -0.49 4.95
C MET C 111 -4.39 -0.58 3.42
N CYS C 112 -5.54 -0.12 2.91
CA CYS C 112 -5.81 -0.06 1.48
C CYS C 112 -7.12 0.69 1.19
N SER C 113 -7.16 1.38 0.06
CA SER C 113 -8.28 2.26 -0.31
C SER C 113 -9.27 1.62 -1.28
N ILE C 114 -10.39 2.33 -1.47
CA ILE C 114 -11.51 1.81 -2.25
C ILE C 114 -11.75 2.66 -3.49
N PRO C 115 -11.27 2.14 -4.64
CA PRO C 115 -11.29 2.70 -5.99
C PRO C 115 -12.68 2.79 -6.62
N PRO C 116 -12.77 3.44 -7.78
CA PRO C 116 -11.61 4.03 -8.45
C PRO C 116 -11.24 5.31 -7.74
N LYS C 117 -12.11 5.72 -6.80
CA LYS C 117 -12.04 7.05 -6.23
C LYS C 117 -11.23 7.13 -4.95
N ASN C 118 -10.91 5.98 -4.37
CA ASN C 118 -10.19 5.98 -3.10
C ASN C 118 -10.80 7.02 -2.21
N GLU C 119 -12.06 6.79 -1.84
CA GLU C 119 -12.79 7.73 -1.00
C GLU C 119 -12.70 7.30 0.46
N LYS C 120 -12.55 6.00 0.68
CA LYS C 120 -12.49 5.45 2.03
C LYS C 120 -11.37 4.42 2.18
N LEU C 121 -10.88 4.27 3.40
CA LEU C 121 -9.84 3.31 3.73
C LEU C 121 -10.40 1.98 4.23
N GLN C 122 -9.55 0.97 4.26
CA GLN C 122 -10.01 -0.36 4.60
C GLN C 122 -8.85 -1.15 5.16
N ALA C 123 -9.15 -2.05 6.09
CA ALA C 123 -8.14 -2.88 6.70
C ALA C 123 -8.11 -4.19 5.98
N VAL C 124 -6.91 -4.62 5.65
CA VAL C 124 -6.69 -5.88 4.96
C VAL C 124 -5.56 -6.62 5.66
N GLU C 125 -5.40 -7.90 5.38
CA GLU C 125 -4.43 -8.73 6.08
C GLU C 125 -4.50 -8.46 7.58
N VAL C 126 -5.64 -8.82 8.16
CA VAL C 126 -5.97 -8.42 9.52
C VAL C 126 -5.85 -9.56 10.53
N VAL C 127 -4.98 -9.38 11.51
CA VAL C 127 -4.71 -10.45 12.47
C VAL C 127 -5.00 -10.05 13.93
N ILE C 128 -5.81 -10.86 14.61
CA ILE C 128 -6.00 -10.67 16.03
C ILE C 128 -4.74 -11.11 16.75
N THR C 129 -4.11 -10.16 17.42
CA THR C 129 -2.84 -10.40 18.07
C THR C 129 -3.01 -10.62 19.57
N HIS C 130 -3.99 -9.93 20.15
CA HIS C 130 -4.27 -10.04 21.57
C HIS C 130 -5.77 -10.07 21.76
N LEU C 131 -6.26 -11.05 22.51
CA LEU C 131 -7.71 -11.25 22.65
C LEU C 131 -8.22 -10.22 23.67
N ALA C 132 -9.34 -9.58 23.36
CA ALA C 132 -10.01 -8.65 24.27
C ALA C 132 -10.29 -9.42 25.55
N PRO C 133 -9.63 -9.02 26.60
CA PRO C 133 -9.50 -9.79 27.82
C PRO C 133 -10.76 -10.05 28.55
N GLY C 134 -11.87 -9.44 28.20
CA GLY C 134 -13.01 -9.68 29.04
C GLY C 134 -14.33 -10.13 28.48
N THR C 135 -14.35 -10.66 27.28
CA THR C 135 -15.62 -10.86 26.64
C THR C 135 -16.00 -12.28 26.28
N LYS C 136 -15.10 -13.21 26.44
CA LYS C 136 -15.32 -14.54 25.90
C LYS C 136 -15.46 -14.56 24.37
N HIS C 137 -14.86 -15.55 23.74
CA HIS C 137 -14.67 -15.57 22.32
C HIS C 137 -15.19 -16.81 21.70
N GLU C 138 -15.55 -16.69 20.44
CA GLU C 138 -16.09 -17.78 19.65
C GLU C 138 -15.25 -18.08 18.41
N THR C 139 -15.74 -19.02 17.61
CA THR C 139 -15.06 -19.40 16.38
C THR C 139 -16.10 -19.47 15.29
N TRP C 140 -15.64 -19.31 14.05
CA TRP C 140 -16.54 -19.29 12.92
C TRP C 140 -17.38 -20.58 12.86
N SER C 141 -16.82 -21.68 13.37
CA SER C 141 -17.57 -22.92 13.46
C SER C 141 -18.97 -22.73 14.04
N LEU D 43 21.69 16.81 -0.37
CA LEU D 43 21.14 18.05 -0.91
C LEU D 43 19.92 17.90 -1.83
N PRO D 44 19.72 16.71 -2.45
CA PRO D 44 18.86 16.55 -3.63
C PRO D 44 17.38 16.72 -3.34
N THR D 45 16.68 17.37 -4.24
CA THR D 45 15.27 17.66 -4.03
C THR D 45 14.43 16.91 -5.03
N ARG D 46 13.13 17.13 -4.95
CA ARG D 46 12.17 16.41 -5.77
C ARG D 46 12.17 16.95 -7.20
N ARG D 47 12.79 18.11 -7.40
CA ARG D 47 12.88 18.74 -8.71
C ARG D 47 14.29 18.52 -9.23
N THR D 48 15.16 18.12 -8.32
CA THR D 48 16.54 17.92 -8.65
C THR D 48 16.85 16.44 -8.83
N ARG D 49 16.03 15.60 -8.23
CA ARG D 49 16.21 14.14 -8.29
C ARG D 49 16.34 13.62 -9.73
N THR D 50 17.47 12.97 -10.02
CA THR D 50 17.68 12.41 -11.35
C THR D 50 16.50 11.53 -11.74
N PHE D 51 16.24 11.46 -13.03
CA PHE D 51 15.17 10.64 -13.60
C PHE D 51 15.25 9.22 -13.08
N SER D 52 16.43 8.63 -13.19
CA SER D 52 16.67 7.25 -12.81
C SER D 52 16.36 7.03 -11.33
N ALA D 53 16.99 7.83 -10.49
CA ALA D 53 16.81 7.77 -9.06
C ALA D 53 15.34 7.75 -8.75
N THR D 54 14.57 8.62 -9.40
CA THR D 54 13.15 8.74 -9.10
C THR D 54 12.41 7.43 -9.32
N VAL D 55 12.67 6.82 -10.46
CA VAL D 55 12.02 5.57 -10.78
C VAL D 55 12.24 4.56 -9.67
N ARG D 56 13.49 4.22 -9.40
CA ARG D 56 13.78 3.17 -8.43
C ARG D 56 13.15 3.47 -7.08
N ALA D 57 13.32 4.70 -6.60
CA ALA D 57 12.70 5.13 -5.37
C ALA D 57 11.24 4.71 -5.34
N SER D 58 10.50 5.12 -6.37
CA SER D 58 9.08 4.81 -6.43
C SER D 58 8.84 3.32 -6.60
N GLN D 59 9.78 2.64 -7.25
CA GLN D 59 9.65 1.22 -7.50
C GLN D 59 9.83 0.35 -6.25
N GLY D 60 10.65 0.85 -5.33
CA GLY D 60 10.98 0.13 -4.11
C GLY D 60 9.81 -0.02 -3.14
N PRO D 61 10.08 -0.62 -1.97
CA PRO D 61 9.13 -0.88 -0.87
C PRO D 61 8.69 0.37 -0.12
N VAL D 62 7.55 0.27 0.56
CA VAL D 62 7.09 1.34 1.45
C VAL D 62 7.43 1.03 2.90
N TYR D 63 8.01 2.01 3.59
CA TYR D 63 8.31 1.87 5.00
C TYR D 63 7.44 2.77 5.87
N LYS D 64 7.34 2.39 7.14
CA LYS D 64 6.71 3.21 8.17
C LYS D 64 7.83 3.95 8.89
N GLY D 65 7.49 5.03 9.59
CA GLY D 65 8.48 5.77 10.36
C GLY D 65 7.83 6.86 11.19
N VAL D 66 8.66 7.63 11.88
CA VAL D 66 8.18 8.76 12.69
C VAL D 66 9.05 9.99 12.43
N CYS D 67 8.42 11.14 12.32
CA CYS D 67 9.20 12.34 12.18
C CYS D 67 10.05 12.55 13.41
N LYS D 68 11.37 12.38 13.25
CA LYS D 68 12.31 12.68 14.31
C LYS D 68 12.40 14.18 14.50
N CYS D 69 12.69 14.90 13.44
CA CYS D 69 12.67 16.35 13.52
C CYS D 69 12.22 16.95 12.22
N PHE D 70 12.07 18.26 12.22
CA PHE D 70 11.82 18.97 11.00
C PHE D 70 11.85 20.46 11.29
N CYS D 71 12.53 21.22 10.47
CA CYS D 71 12.56 22.65 10.68
C CYS D 71 12.10 23.31 9.42
N ARG D 72 10.87 23.78 9.40
CA ARG D 72 10.37 24.40 8.19
C ARG D 72 11.24 25.56 7.68
N SER D 73 11.70 26.41 8.61
CA SER D 73 12.64 27.47 8.25
C SER D 73 13.81 26.88 7.44
N LYS D 74 14.36 25.76 7.90
CA LYS D 74 15.53 25.14 7.25
C LYS D 74 15.16 24.22 6.07
N GLY D 75 13.90 23.84 5.99
CA GLY D 75 13.42 22.98 4.92
C GLY D 75 13.81 21.51 4.98
N HIS D 76 14.05 21.00 6.19
CA HIS D 76 14.42 19.59 6.33
C HIS D 76 14.44 19.10 7.77
N GLY D 77 14.23 17.79 7.95
CA GLY D 77 14.30 17.16 9.25
C GLY D 77 14.74 15.72 9.07
N PHE D 78 14.43 14.88 10.05
CA PHE D 78 14.77 13.46 9.93
C PHE D 78 13.59 12.59 10.24
N ILE D 79 13.65 11.38 9.73
CA ILE D 79 12.65 10.37 10.03
C ILE D 79 13.36 9.22 10.69
N THR D 80 12.85 8.77 11.83
CA THR D 80 13.39 7.56 12.43
C THR D 80 12.64 6.39 11.85
N PRO D 81 13.32 5.48 11.19
CA PRO D 81 12.71 4.27 10.68
C PRO D 81 12.09 3.43 11.76
N ALA D 82 10.95 2.84 11.46
CA ALA D 82 10.28 2.03 12.44
C ALA D 82 11.01 0.72 12.61
N ASP D 83 11.28 0.08 11.50
CA ASP D 83 12.01 -1.14 11.61
C ASP D 83 13.05 -0.83 12.65
N GLY D 84 14.01 0.01 12.30
CA GLY D 84 15.09 0.26 13.19
C GLY D 84 16.20 0.60 12.26
N GLY D 85 17.12 1.42 12.73
CA GLY D 85 18.25 1.82 11.93
C GLY D 85 18.32 3.31 11.83
N PRO D 86 19.36 3.76 11.13
CA PRO D 86 19.69 5.18 10.94
C PRO D 86 18.49 6.04 10.56
N ASP D 87 18.51 7.28 11.03
CA ASP D 87 17.47 8.23 10.71
C ASP D 87 17.59 8.59 9.24
N ILE D 88 16.46 8.70 8.57
CA ILE D 88 16.46 8.96 7.14
C ILE D 88 16.32 10.44 6.92
N PHE D 89 17.21 11.01 6.11
CA PHE D 89 17.10 12.42 5.78
C PHE D 89 15.78 12.72 5.07
N LEU D 90 15.30 13.95 5.23
CA LEU D 90 14.00 14.31 4.70
C LEU D 90 13.98 15.77 4.26
N HIS D 91 13.84 15.99 2.96
CA HIS D 91 13.77 17.36 2.46
C HIS D 91 12.33 17.80 2.38
N ILE D 92 12.11 19.10 2.55
CA ILE D 92 10.74 19.61 2.53
C ILE D 92 9.98 19.26 1.25
N SER D 93 10.61 19.43 0.10
CA SER D 93 9.98 19.17 -1.22
C SER D 93 9.26 17.85 -1.33
N ASP D 94 9.74 16.84 -0.59
CA ASP D 94 9.22 15.48 -0.69
C ASP D 94 8.01 15.20 0.19
N VAL D 95 7.58 16.21 0.95
CA VAL D 95 6.42 16.10 1.83
C VAL D 95 5.13 16.39 1.09
N GLU D 96 4.19 15.46 1.13
CA GLU D 96 2.86 15.75 0.61
C GLU D 96 1.80 15.94 1.67
N GLY D 97 0.84 16.81 1.38
CA GLY D 97 -0.24 17.12 2.29
C GLY D 97 -0.13 18.56 2.74
N GLU D 98 -1.18 19.06 3.39
CA GLU D 98 -1.25 20.43 3.92
C GLU D 98 -0.45 20.70 5.18
N TYR D 99 -0.09 19.65 5.93
CA TYR D 99 0.59 19.86 7.20
C TYR D 99 2.11 19.89 7.11
N VAL D 100 2.70 20.79 7.90
CA VAL D 100 4.14 20.80 8.13
C VAL D 100 4.45 19.74 9.18
N PRO D 101 5.48 18.92 8.91
CA PRO D 101 5.72 17.74 9.75
C PRO D 101 6.16 18.10 11.17
N VAL D 102 5.64 17.33 12.13
CA VAL D 102 5.93 17.56 13.54
C VAL D 102 6.49 16.28 14.17
N GLU D 103 7.44 16.46 15.08
CA GLU D 103 8.05 15.35 15.80
C GLU D 103 6.97 14.44 16.33
N GLY D 104 7.03 13.16 15.98
CA GLY D 104 6.03 12.23 16.45
C GLY D 104 4.91 11.98 15.46
N ASP D 105 4.82 12.81 14.42
CA ASP D 105 3.93 12.52 13.30
C ASP D 105 4.37 11.17 12.76
N GLU D 106 3.42 10.28 12.53
CA GLU D 106 3.77 8.98 11.96
C GLU D 106 3.67 8.95 10.42
N VAL D 107 4.66 8.36 9.77
CA VAL D 107 4.81 8.52 8.32
C VAL D 107 5.13 7.27 7.51
N THR D 108 4.54 7.20 6.32
CA THR D 108 5.01 6.25 5.34
C THR D 108 5.89 6.99 4.34
N TYR D 109 6.81 6.26 3.72
CA TYR D 109 7.72 6.83 2.74
C TYR D 109 8.42 5.74 1.94
N LYS D 110 8.90 6.10 0.77
CA LYS D 110 9.77 5.22 0.04
C LYS D 110 11.18 5.75 0.25
N MET D 111 12.18 4.92 -0.04
CA MET D 111 13.57 5.31 0.19
C MET D 111 14.37 5.64 -1.05
N CYS D 112 15.43 6.40 -0.85
CA CYS D 112 16.24 6.88 -1.93
C CYS D 112 17.67 7.00 -1.40
N SER D 113 18.66 6.92 -2.27
CA SER D 113 20.04 7.07 -1.84
C SER D 113 20.62 8.33 -2.44
N ILE D 114 21.42 9.02 -1.65
CA ILE D 114 22.05 10.26 -2.11
C ILE D 114 23.37 9.94 -2.81
N PRO D 115 23.46 10.33 -4.09
CA PRO D 115 24.57 9.96 -4.99
C PRO D 115 25.92 10.63 -4.69
N PRO D 116 27.01 9.93 -4.99
CA PRO D 116 28.33 10.53 -5.16
C PRO D 116 28.50 11.07 -6.58
N ASN D 118 26.89 6.91 -2.75
CA ASN D 118 25.55 6.79 -2.18
C ASN D 118 25.57 6.73 -0.66
N GLU D 119 25.51 5.53 -0.11
CA GLU D 119 25.52 5.34 1.34
C GLU D 119 24.28 5.96 1.99
N LYS D 120 24.42 7.21 2.42
CA LYS D 120 23.32 7.92 3.06
C LYS D 120 22.00 7.66 2.35
N LEU D 121 20.92 7.67 3.11
CA LEU D 121 19.58 7.43 2.54
C LEU D 121 18.71 8.66 2.62
N GLN D 122 17.59 8.63 1.93
CA GLN D 122 16.66 9.75 1.91
C GLN D 122 15.26 9.23 1.84
N ALA D 123 14.30 10.07 2.20
CA ALA D 123 12.91 9.66 2.16
C ALA D 123 12.17 10.46 1.11
N VAL D 124 11.40 9.74 0.29
CA VAL D 124 10.65 10.34 -0.79
C VAL D 124 9.19 9.91 -0.68
N GLU D 125 8.29 10.69 -1.30
CA GLU D 125 6.86 10.39 -1.29
C GLU D 125 6.43 10.18 0.16
N VAL D 126 6.49 11.26 0.93
CA VAL D 126 6.39 11.16 2.37
C VAL D 126 5.03 11.57 2.90
N VAL D 127 4.32 10.58 3.42
CA VAL D 127 2.96 10.78 3.87
C VAL D 127 2.82 10.73 5.39
N ILE D 128 2.18 11.74 5.92
CA ILE D 128 1.80 11.73 7.32
C ILE D 128 0.54 10.89 7.46
N THR D 129 0.72 9.66 7.94
CA THR D 129 -0.39 8.74 8.16
C THR D 129 -1.13 8.97 9.48
N HIS D 130 -0.42 9.52 10.46
CA HIS D 130 -0.98 9.71 11.82
C HIS D 130 -0.46 11.00 12.46
N LEU D 131 -1.37 11.88 12.86
CA LEU D 131 -0.95 13.14 13.49
C LEU D 131 -0.52 12.96 14.94
N ALA D 132 0.66 13.49 15.26
CA ALA D 132 1.17 13.49 16.62
C ALA D 132 0.22 14.28 17.54
N PRO D 133 -0.28 13.64 18.62
CA PRO D 133 -1.41 14.09 19.46
C PRO D 133 -1.13 15.27 20.39
N GLY D 134 0.08 15.36 20.93
CA GLY D 134 0.40 16.36 21.93
C GLY D 134 0.43 17.80 21.44
N THR D 135 1.26 18.07 20.44
CA THR D 135 1.53 19.45 20.02
C THR D 135 0.45 20.03 19.12
N LYS D 136 0.62 21.30 18.75
CA LYS D 136 -0.25 21.96 17.79
C LYS D 136 0.19 21.65 16.37
N HIS D 137 -0.79 21.46 15.49
CA HIS D 137 -0.49 21.12 14.13
C HIS D 137 -0.80 22.29 13.20
N GLU D 138 0.17 22.60 12.34
CA GLU D 138 0.07 23.74 11.45
C GLU D 138 0.01 23.28 10.00
N THR D 139 -0.14 24.25 9.11
CA THR D 139 -0.19 24.02 7.69
C THR D 139 0.66 25.09 7.01
N TRP D 140 1.18 24.77 5.82
CA TRP D 140 2.00 25.72 5.07
C TRP D 140 1.17 26.99 4.88
N SER D 141 1.80 28.15 5.00
CA SER D 141 1.11 29.46 5.04
C SER D 141 0.53 29.74 6.44
#